data_6RXA
#
_entry.id   6RXA
#
_cell.length_a   143.892
_cell.length_b   144.936
_cell.length_c   146.130
_cell.angle_alpha   90.000
_cell.angle_beta   90.000
_cell.angle_gamma   90.000
#
_symmetry.space_group_name_H-M   'F 2 2 2'
#
loop_
_entity.id
_entity.type
_entity.pdbx_description
1 polymer 'Argininosuccinate lyase'
2 non-polymer 'FORMIC ACID'
3 non-polymer GLYCEROL
4 non-polymer 'SODIUM ION'
5 water water
#
_entity_poly.entity_id   1
_entity_poly.type   'polypeptide(L)'
_entity_poly.pdbx_seq_one_letter_code
;MNINVPDATRIGRATGAKAPEFQELYDFDAAALTLTSAVFPYDSQIHRAHVVMLTEQGILTVEESATILSGLAQVDELAA
TDGSLRTYLPYEAALKRTIGSVAGKMHIGRSRNDLANAGKRMFLRDQLLRTIEAVIGYREAVVHKAADHLDTVMVVYTQR
KEAQPITLGHYLMAISENLAKNLDRYRELYARINLCPLGAAATAGTGWPLNRDRTSALLGFDGLVVNSIEGVAGWDHVAE
HAFVNAVFLSGLSRLASEIQLWSTDEYQVAELDASFAGTSSIMPQKKNPMSLERSRKAAFAAMGPLVGILTSLNAIEYQM
SAARVELEPRSIDALIAATHAMTGVVRTLHPNKERMRQYAAENYSTMTDLTDMLVRRVGIDYREAHEIVAHVVITAIEKG
IKANKIGLDLVQEAAVAQTGAGINVSADDIKDALDPWQNVLRREGKGMPAPMSVKASIDDAMAELHKDRAWLANATQALA
NAKQTLADSVQQIIQTDRKYLRHHHHHH
;
_entity_poly.pdbx_strand_id   A
#
loop_
_chem_comp.id
_chem_comp.type
_chem_comp.name
_chem_comp.formula
FMT non-polymer 'FORMIC ACID' 'C H2 O2'
GOL non-polymer GLYCEROL 'C3 H8 O3'
NA non-polymer 'SODIUM ION' 'Na 1'
#
# COMPACT_ATOMS: atom_id res chain seq x y z
N VAL A 5 -3.49 -16.06 29.90
CA VAL A 5 -2.12 -15.57 30.08
C VAL A 5 -1.95 -14.17 29.49
N PRO A 6 -1.43 -13.23 30.27
CA PRO A 6 -1.29 -11.86 29.77
C PRO A 6 -0.21 -11.77 28.70
N ASP A 7 -0.33 -10.75 27.86
CA ASP A 7 0.73 -10.41 26.91
C ASP A 7 1.93 -9.93 27.70
N ALA A 8 2.99 -10.74 27.75
CA ALA A 8 4.13 -10.44 28.61
C ALA A 8 4.92 -9.24 28.16
N THR A 9 4.70 -8.74 26.95
CA THR A 9 5.38 -7.53 26.50
C THR A 9 4.71 -6.25 27.01
N ARG A 10 3.51 -6.34 27.59
CA ARG A 10 2.77 -5.18 28.06
C ARG A 10 3.09 -4.94 29.54
N ILE A 11 4.29 -4.42 29.75
CA ILE A 11 4.81 -4.10 31.07
C ILE A 11 5.24 -2.64 31.07
N GLY A 12 5.35 -2.07 32.26
CA GLY A 12 5.85 -0.70 32.39
C GLY A 12 5.06 0.28 31.54
N ARG A 13 5.78 1.08 30.74
CA ARG A 13 5.14 2.09 29.90
C ARG A 13 4.35 1.52 28.73
N ALA A 14 4.43 0.21 28.47
CA ALA A 14 3.61 -0.42 27.44
C ALA A 14 2.29 -0.84 28.09
N THR A 15 1.42 0.14 28.26
CA THR A 15 0.19 -0.06 28.99
C THR A 15 -0.91 -0.56 28.05
N GLY A 16 -1.88 -1.24 28.64
CA GLY A 16 -2.95 -1.82 27.87
C GLY A 16 -2.45 -2.91 26.94
N ALA A 17 -3.33 -3.29 26.03
CA ALA A 17 -3.02 -4.31 25.04
C ALA A 17 -2.42 -3.68 23.79
N LYS A 18 -1.70 -4.48 23.02
CA LYS A 18 -1.35 -4.04 21.67
C LYS A 18 -2.63 -3.77 20.89
N ALA A 19 -2.63 -2.71 20.10
CA ALA A 19 -3.68 -2.56 19.12
C ALA A 19 -3.70 -3.79 18.22
N PRO A 20 -4.87 -4.18 17.71
CA PRO A 20 -4.91 -5.34 16.82
C PRO A 20 -4.02 -5.17 15.60
N GLU A 21 -3.97 -3.95 15.04
CA GLU A 21 -3.14 -3.71 13.86
C GLU A 21 -1.66 -3.86 14.19
N PHE A 22 -1.27 -3.49 15.41
CA PHE A 22 0.10 -3.66 15.87
C PHE A 22 0.41 -5.14 16.04
N GLN A 23 -0.52 -5.89 16.63
CA GLN A 23 -0.32 -7.31 16.79
C GLN A 23 -0.16 -8.01 15.44
N GLU A 24 -0.81 -7.51 14.38
CA GLU A 24 -0.67 -8.14 13.06
C GLU A 24 0.79 -8.23 12.63
N LEU A 25 1.61 -7.25 12.97
CA LEU A 25 3.01 -7.27 12.61
C LEU A 25 3.78 -8.43 13.24
N TYR A 26 3.29 -8.94 14.37
CA TYR A 26 3.94 -10.06 15.03
C TYR A 26 3.43 -11.40 14.57
N ASP A 27 2.27 -11.42 13.90
CA ASP A 27 1.57 -12.67 13.61
C ASP A 27 1.75 -13.16 12.18
N PHE A 28 2.06 -12.27 11.22
CA PHE A 28 1.94 -12.67 9.82
C PHE A 28 2.98 -13.73 9.42
N ASP A 29 4.18 -13.69 10.01
CA ASP A 29 5.24 -14.57 9.53
C ASP A 29 4.88 -16.03 9.77
N ALA A 30 4.47 -16.36 11.00
CA ALA A 30 4.15 -17.74 11.31
C ALA A 30 2.85 -18.20 10.66
N ALA A 31 1.95 -17.27 10.38
CA ALA A 31 0.64 -17.61 9.84
C ALA A 31 0.64 -17.73 8.32
N ALA A 32 1.68 -17.26 7.65
CA ALA A 32 1.65 -17.19 6.21
C ALA A 32 1.60 -18.57 5.58
N LEU A 33 0.80 -18.69 4.53
CA LEU A 33 0.74 -19.90 3.72
C LEU A 33 1.92 -19.97 2.78
N THR A 34 2.30 -21.19 2.41
CA THR A 34 3.16 -21.33 1.24
C THR A 34 2.39 -20.89 -0.01
N LEU A 35 3.13 -20.56 -1.07
CA LEU A 35 2.47 -20.26 -2.34
C LEU A 35 1.61 -21.45 -2.80
N THR A 36 2.14 -22.67 -2.69
CA THR A 36 1.38 -23.85 -3.11
C THR A 36 0.04 -23.93 -2.39
N SER A 37 0.03 -23.71 -1.08
CA SER A 37 -1.22 -23.81 -0.34
C SER A 37 -2.16 -22.65 -0.64
N ALA A 38 -1.61 -21.46 -0.89
CA ALA A 38 -2.43 -20.31 -1.20
C ALA A 38 -3.09 -20.44 -2.57
N VAL A 39 -2.39 -21.01 -3.55
CA VAL A 39 -2.92 -21.09 -4.91
C VAL A 39 -3.82 -22.29 -5.10
N PHE A 40 -3.67 -23.33 -4.29
CA PHE A 40 -4.42 -24.56 -4.48
C PHE A 40 -5.93 -24.37 -4.63
N PRO A 41 -6.61 -23.59 -3.79
CA PRO A 41 -8.05 -23.41 -3.98
C PRO A 41 -8.42 -22.80 -5.32
N TYR A 42 -7.56 -21.93 -5.86
CA TYR A 42 -7.81 -21.38 -7.19
C TYR A 42 -7.62 -22.43 -8.27
N ASP A 43 -6.57 -23.25 -8.14
CA ASP A 43 -6.41 -24.38 -9.06
C ASP A 43 -7.67 -25.24 -9.09
N SER A 44 -8.30 -25.47 -7.93
CA SER A 44 -9.50 -26.29 -7.86
C SER A 44 -10.66 -25.62 -8.59
N GLN A 45 -10.77 -24.30 -8.50
CA GLN A 45 -11.76 -23.58 -9.28
C GLN A 45 -11.48 -23.70 -10.77
N ILE A 46 -10.21 -23.62 -11.15
CA ILE A 46 -9.84 -23.78 -12.56
C ILE A 46 -10.25 -25.14 -13.09
N HIS A 47 -10.04 -26.19 -12.30
CA HIS A 47 -10.46 -27.52 -12.77
C HIS A 47 -11.94 -27.52 -13.09
N ARG A 48 -12.76 -26.92 -12.23
CA ARG A 48 -14.19 -26.89 -12.45
C ARG A 48 -14.53 -26.08 -13.70
N ALA A 49 -13.93 -24.90 -13.84
CA ALA A 49 -14.23 -24.06 -15.01
C ALA A 49 -13.80 -24.73 -16.30
N HIS A 50 -12.62 -25.34 -16.31
CA HIS A 50 -12.14 -26.02 -17.50
C HIS A 50 -13.08 -27.15 -17.88
N VAL A 51 -13.49 -27.95 -16.89
CA VAL A 51 -14.38 -29.08 -17.15
C VAL A 51 -15.75 -28.61 -17.65
N VAL A 52 -16.31 -27.56 -17.04
CA VAL A 52 -17.57 -26.99 -17.52
C VAL A 52 -17.44 -26.55 -18.97
N MET A 53 -16.36 -25.85 -19.29
CA MET A 53 -16.14 -25.43 -20.68
C MET A 53 -16.02 -26.62 -21.61
N LEU A 54 -15.29 -27.66 -21.21
CA LEU A 54 -15.17 -28.83 -22.07
C LEU A 54 -16.54 -29.45 -22.31
N THR A 55 -17.43 -29.36 -21.32
CA THR A 55 -18.78 -29.89 -21.47
C THR A 55 -19.58 -29.06 -22.46
N GLU A 56 -19.53 -27.73 -22.34
CA GLU A 56 -20.18 -26.87 -23.32
C GLU A 56 -19.70 -27.17 -24.73
N GLN A 57 -18.41 -27.49 -24.88
CA GLN A 57 -17.83 -27.74 -26.20
C GLN A 57 -18.06 -29.16 -26.70
N GLY A 58 -18.71 -30.00 -25.91
CA GLY A 58 -18.96 -31.38 -26.32
C GLY A 58 -17.76 -32.29 -26.22
N ILE A 59 -16.66 -31.82 -25.62
CA ILE A 59 -15.48 -32.66 -25.45
C ILE A 59 -15.72 -33.70 -24.37
N LEU A 60 -16.43 -33.30 -23.31
CA LEU A 60 -16.88 -34.23 -22.28
C LEU A 60 -18.40 -34.33 -22.36
N THR A 61 -18.92 -35.53 -22.11
CA THR A 61 -20.35 -35.67 -21.92
C THR A 61 -20.75 -35.12 -20.56
N VAL A 62 -22.05 -34.83 -20.40
CA VAL A 62 -22.55 -34.40 -19.10
C VAL A 62 -22.26 -35.46 -18.05
N GLU A 63 -22.36 -36.74 -18.44
CA GLU A 63 -22.10 -37.82 -17.49
C GLU A 63 -20.64 -37.84 -17.05
N GLU A 64 -19.70 -37.71 -17.99
CA GLU A 64 -18.29 -37.64 -17.63
C GLU A 64 -18.02 -36.42 -16.78
N SER A 65 -18.59 -35.28 -17.17
CA SER A 65 -18.40 -34.04 -16.43
C SER A 65 -18.90 -34.18 -15.00
N ALA A 66 -20.09 -34.73 -14.81
CA ALA A 66 -20.62 -34.89 -13.47
C ALA A 66 -19.73 -35.78 -12.62
N THR A 67 -19.24 -36.88 -13.19
CA THR A 67 -18.36 -37.77 -12.45
C THR A 67 -17.09 -37.05 -12.00
N ILE A 68 -16.47 -36.30 -12.91
CA ILE A 68 -15.27 -35.54 -12.59
C ILE A 68 -15.58 -34.50 -11.52
N LEU A 69 -16.63 -33.69 -11.72
CA LEU A 69 -16.91 -32.58 -10.81
C LEU A 69 -17.21 -33.06 -9.41
N SER A 70 -17.98 -34.16 -9.27
CA SER A 70 -18.20 -34.72 -7.93
C SER A 70 -16.90 -35.21 -7.32
N GLY A 71 -16.02 -35.80 -8.15
CA GLY A 71 -14.73 -36.23 -7.63
C GLY A 71 -13.85 -35.09 -7.17
N LEU A 72 -13.90 -33.95 -7.87
CA LEU A 72 -13.11 -32.79 -7.45
C LEU A 72 -13.47 -32.39 -6.03
N ALA A 73 -14.77 -32.40 -5.69
CA ALA A 73 -15.18 -32.06 -4.34
C ALA A 73 -14.58 -33.03 -3.33
N GLN A 74 -14.55 -34.32 -3.66
CA GLN A 74 -13.98 -35.31 -2.75
C GLN A 74 -12.47 -35.10 -2.57
N VAL A 75 -11.74 -34.85 -3.66
CA VAL A 75 -10.29 -34.70 -3.53
C VAL A 75 -9.96 -33.38 -2.83
N ASP A 76 -10.74 -32.33 -3.09
CA ASP A 76 -10.54 -31.09 -2.36
C ASP A 76 -10.63 -31.32 -0.85
N GLU A 77 -11.59 -32.14 -0.41
CA GLU A 77 -11.71 -32.42 1.01
C GLU A 77 -10.50 -33.18 1.54
N LEU A 78 -9.99 -34.14 0.77
CA LEU A 78 -8.78 -34.85 1.17
C LEU A 78 -7.61 -33.88 1.29
N ALA A 79 -7.48 -32.97 0.33
CA ALA A 79 -6.38 -32.03 0.31
C ALA A 79 -6.43 -31.01 1.44
N ALA A 80 -7.58 -30.82 2.08
CA ALA A 80 -7.65 -29.86 3.19
C ALA A 80 -6.71 -30.24 4.33
N THR A 81 -6.43 -31.54 4.50
CA THR A 81 -5.49 -32.01 5.52
C THR A 81 -4.27 -32.72 4.96
N ASP A 82 -4.23 -33.05 3.67
CA ASP A 82 -3.12 -33.76 3.06
C ASP A 82 -2.49 -32.82 2.04
N GLY A 83 -1.46 -32.10 2.47
CA GLY A 83 -0.81 -31.12 1.60
C GLY A 83 -0.13 -31.73 0.40
N SER A 84 0.16 -33.04 0.42
CA SER A 84 0.78 -33.67 -0.73
C SER A 84 -0.13 -33.65 -1.95
N LEU A 85 -1.42 -33.39 -1.78
CA LEU A 85 -2.37 -33.39 -2.88
C LEU A 85 -2.59 -32.01 -3.47
N ARG A 86 -1.79 -31.02 -3.09
CA ARG A 86 -2.02 -29.63 -3.50
C ARG A 86 -1.26 -29.21 -4.75
N THR A 87 -0.47 -30.10 -5.35
CA THR A 87 0.13 -29.89 -6.66
C THR A 87 -0.57 -30.81 -7.66
N TYR A 88 -0.38 -30.51 -8.96
CA TYR A 88 -1.33 -30.99 -9.96
C TYR A 88 -1.28 -32.51 -10.15
N LEU A 89 -0.13 -33.07 -10.51
CA LEU A 89 -0.13 -34.50 -10.81
C LEU A 89 -0.54 -35.34 -9.62
N PRO A 90 -0.09 -35.04 -8.38
CA PRO A 90 -0.64 -35.76 -7.22
C PRO A 90 -2.14 -35.64 -7.09
N TYR A 91 -2.69 -34.45 -7.35
CA TYR A 91 -4.13 -34.24 -7.26
C TYR A 91 -4.87 -35.05 -8.31
N GLU A 92 -4.39 -35.04 -9.55
CA GLU A 92 -5.02 -35.80 -10.61
C GLU A 92 -5.00 -37.29 -10.28
N ALA A 93 -3.90 -37.76 -9.69
CA ALA A 93 -3.79 -39.18 -9.36
C ALA A 93 -4.76 -39.55 -8.25
N ALA A 94 -4.92 -38.69 -7.25
CA ALA A 94 -5.93 -38.91 -6.24
C ALA A 94 -7.33 -38.90 -6.86
N LEU A 95 -7.58 -38.03 -7.83
CA LEU A 95 -8.86 -38.04 -8.51
C LEU A 95 -9.09 -39.36 -9.24
N LYS A 96 -8.06 -39.88 -9.92
CA LYS A 96 -8.17 -41.17 -10.59
C LYS A 96 -8.47 -42.29 -9.59
N ARG A 97 -7.81 -42.26 -8.42
CA ARG A 97 -8.09 -43.28 -7.42
C ARG A 97 -9.52 -43.15 -6.89
N THR A 98 -10.08 -41.94 -6.95
CA THR A 98 -11.40 -41.69 -6.38
C THR A 98 -12.53 -42.04 -7.36
N ILE A 99 -12.40 -41.68 -8.63
CA ILE A 99 -13.49 -41.81 -9.58
C ILE A 99 -13.16 -42.70 -10.77
N GLY A 100 -11.93 -43.14 -10.92
CA GLY A 100 -11.54 -43.95 -12.05
C GLY A 100 -10.82 -43.16 -13.12
N SER A 101 -10.58 -43.85 -14.25
CA SER A 101 -9.69 -43.31 -15.27
C SER A 101 -10.23 -42.06 -15.95
N VAL A 102 -11.55 -41.82 -15.93
CA VAL A 102 -12.12 -40.61 -16.50
C VAL A 102 -11.50 -39.35 -15.90
N ALA A 103 -10.90 -39.47 -14.70
CA ALA A 103 -10.21 -38.33 -14.11
C ALA A 103 -9.22 -37.71 -15.07
N GLY A 104 -8.55 -38.54 -15.86
CA GLY A 104 -7.53 -38.06 -16.78
C GLY A 104 -8.07 -37.14 -17.85
N LYS A 105 -9.37 -37.22 -18.13
CA LYS A 105 -9.95 -36.38 -19.18
C LYS A 105 -10.04 -34.92 -18.76
N MET A 106 -9.92 -34.61 -17.46
CA MET A 106 -9.97 -33.21 -17.09
C MET A 106 -8.75 -32.44 -17.60
N HIS A 107 -7.71 -33.13 -18.06
CA HIS A 107 -6.52 -32.46 -18.56
C HIS A 107 -6.53 -32.28 -20.07
N ILE A 108 -7.60 -32.70 -20.74
CA ILE A 108 -7.69 -32.52 -22.19
C ILE A 108 -7.54 -31.04 -22.54
N GLY A 109 -6.63 -30.74 -23.46
CA GLY A 109 -6.45 -29.38 -23.93
C GLY A 109 -5.76 -28.44 -22.97
N ARG A 110 -5.09 -28.95 -21.93
CA ARG A 110 -4.55 -28.14 -20.85
C ARG A 110 -3.17 -28.66 -20.47
N SER A 111 -2.45 -27.85 -19.69
CA SER A 111 -1.14 -28.20 -19.19
C SER A 111 -1.02 -27.72 -17.76
N ARG A 112 -0.03 -28.25 -17.04
CA ARG A 112 0.34 -27.58 -15.80
C ARG A 112 0.80 -26.15 -16.05
N ASN A 113 1.27 -25.82 -17.26
CA ASN A 113 1.85 -24.51 -17.50
C ASN A 113 0.79 -23.42 -17.52
N ASP A 114 -0.31 -23.61 -18.26
CA ASP A 114 -1.36 -22.59 -18.25
C ASP A 114 -2.17 -22.61 -16.96
N LEU A 115 -2.35 -23.80 -16.38
CA LEU A 115 -2.98 -23.91 -15.06
C LEU A 115 -2.20 -23.09 -14.03
N ALA A 116 -0.89 -23.27 -13.98
CA ALA A 116 -0.06 -22.58 -12.98
C ALA A 116 -0.14 -21.07 -13.17
N ASN A 117 -0.01 -20.60 -14.42
CA ASN A 117 -0.04 -19.16 -14.66
C ASN A 117 -1.39 -18.58 -14.26
N ALA A 118 -2.47 -19.28 -14.60
CA ALA A 118 -3.82 -18.81 -14.28
C ALA A 118 -4.08 -18.82 -12.77
N GLY A 119 -3.70 -19.91 -12.08
CA GLY A 119 -3.93 -19.96 -10.65
C GLY A 119 -3.17 -18.88 -9.89
N LYS A 120 -1.92 -18.64 -10.28
CA LYS A 120 -1.14 -17.56 -9.67
CA LYS A 120 -1.16 -17.57 -9.65
C LYS A 120 -1.81 -16.22 -9.90
N ARG A 121 -2.34 -15.99 -11.10
CA ARG A 121 -3.05 -14.74 -11.39
C ARG A 121 -4.29 -14.60 -10.53
N MET A 122 -5.05 -15.69 -10.32
CA MET A 122 -6.24 -15.59 -9.48
C MET A 122 -5.87 -15.27 -8.03
N PHE A 123 -4.80 -15.90 -7.54
CA PHE A 123 -4.30 -15.58 -6.21
C PHE A 123 -3.87 -14.12 -6.12
N LEU A 124 -3.03 -13.67 -7.05
CA LEU A 124 -2.55 -12.28 -7.01
C LEU A 124 -3.71 -11.30 -7.16
N ARG A 125 -4.71 -11.66 -8.00
CA ARG A 125 -5.87 -10.80 -8.20
C ARG A 125 -6.61 -10.58 -6.89
N ASP A 126 -6.89 -11.66 -6.16
CA ASP A 126 -7.55 -11.50 -4.85
C ASP A 126 -6.67 -10.70 -3.90
N GLN A 127 -5.35 -10.95 -3.92
CA GLN A 127 -4.46 -10.22 -3.02
C GLN A 127 -4.34 -8.76 -3.41
N LEU A 128 -4.48 -8.46 -4.70
CA LEU A 128 -4.49 -7.07 -5.14
C LEU A 128 -5.74 -6.34 -4.67
N LEU A 129 -6.91 -6.99 -4.72
CA LEU A 129 -8.10 -6.36 -4.15
C LEU A 129 -7.96 -6.18 -2.64
N ARG A 130 -7.41 -7.19 -1.95
CA ARG A 130 -7.11 -7.05 -0.52
C ARG A 130 -6.21 -5.85 -0.26
N THR A 131 -5.18 -5.69 -1.10
CA THR A 131 -4.23 -4.59 -0.93
C THR A 131 -4.89 -3.25 -1.21
N ILE A 132 -5.66 -3.14 -2.30
CA ILE A 132 -6.37 -1.91 -2.59
C ILE A 132 -7.31 -1.53 -1.44
N GLU A 133 -8.01 -2.52 -0.88
CA GLU A 133 -8.87 -2.22 0.27
C GLU A 133 -8.06 -1.66 1.43
N ALA A 134 -6.90 -2.26 1.72
CA ALA A 134 -6.07 -1.78 2.84
C ALA A 134 -5.52 -0.39 2.56
N VAL A 135 -5.10 -0.13 1.31
CA VAL A 135 -4.58 1.20 0.96
C VAL A 135 -5.68 2.25 1.03
N ILE A 136 -6.90 1.90 0.62
CA ILE A 136 -8.02 2.82 0.78
C ILE A 136 -8.25 3.14 2.27
N GLY A 137 -8.20 2.10 3.12
CA GLY A 137 -8.38 2.34 4.55
C GLY A 137 -7.30 3.24 5.12
N TYR A 138 -6.08 3.09 4.64
CA TYR A 138 -4.96 3.95 5.04
C TYR A 138 -5.20 5.37 4.59
N ARG A 139 -5.60 5.55 3.33
CA ARG A 139 -5.89 6.89 2.84
C ARG A 139 -7.06 7.51 3.60
N GLU A 140 -8.09 6.72 3.91
CA GLU A 140 -9.21 7.23 4.71
C GLU A 140 -8.73 7.78 6.04
N ALA A 141 -7.88 7.01 6.74
CA ALA A 141 -7.38 7.46 8.04
C ALA A 141 -6.58 8.74 7.90
N VAL A 142 -5.76 8.84 6.85
CA VAL A 142 -4.94 10.03 6.61
C VAL A 142 -5.80 11.26 6.36
N VAL A 143 -6.78 11.15 5.47
CA VAL A 143 -7.61 12.29 5.12
C VAL A 143 -8.50 12.70 6.28
N HIS A 144 -9.09 11.71 6.97
CA HIS A 144 -9.97 12.03 8.09
C HIS A 144 -9.20 12.65 9.24
N LYS A 145 -7.95 12.22 9.45
CA LYS A 145 -7.08 12.86 10.43
C LYS A 145 -6.75 14.29 10.00
N ALA A 146 -6.42 14.48 8.72
CA ALA A 146 -6.11 15.83 8.25
C ALA A 146 -7.26 16.79 8.52
N ALA A 147 -8.49 16.33 8.34
CA ALA A 147 -9.65 17.20 8.49
C ALA A 147 -9.80 17.76 9.90
N ASP A 148 -9.22 17.11 10.89
CA ASP A 148 -9.27 17.57 12.27
C ASP A 148 -8.08 18.45 12.63
N HIS A 149 -7.17 18.71 11.68
CA HIS A 149 -5.90 19.38 11.99
C HIS A 149 -5.59 20.51 11.03
N LEU A 150 -6.61 21.22 10.55
CA LEU A 150 -6.40 22.35 9.66
C LEU A 150 -5.75 23.52 10.38
N ASP A 151 -5.89 23.57 11.70
CA ASP A 151 -5.36 24.66 12.51
C ASP A 151 -4.15 24.23 13.34
N THR A 152 -3.64 23.01 13.13
CA THR A 152 -2.54 22.49 13.94
C THR A 152 -1.22 22.95 13.33
N VAL A 153 -0.84 24.19 13.67
CA VAL A 153 0.39 24.76 13.13
C VAL A 153 1.61 23.98 13.60
N MET A 154 2.54 23.73 12.68
CA MET A 154 3.75 22.98 12.97
C MET A 154 4.72 23.28 11.84
N VAL A 155 5.99 22.93 12.05
N VAL A 155 5.98 22.92 12.04
CA VAL A 155 6.97 23.14 10.98
CA VAL A 155 6.96 23.12 11.00
C VAL A 155 7.01 21.92 10.07
C VAL A 155 7.03 21.92 10.07
N VAL A 156 7.27 22.19 8.79
CA VAL A 156 7.70 21.18 7.83
C VAL A 156 9.23 21.21 7.76
N TYR A 157 9.81 20.05 7.47
CA TYR A 157 11.26 19.87 7.39
C TYR A 157 11.69 19.66 5.93
N THR A 158 12.89 20.14 5.61
CA THR A 158 13.62 19.66 4.46
C THR A 158 15.04 19.33 4.91
N GLN A 159 15.59 18.22 4.43
CA GLN A 159 16.93 17.80 4.85
C GLN A 159 17.03 17.67 6.38
N ARG A 160 15.92 17.28 7.02
CA ARG A 160 15.86 17.08 8.47
C ARG A 160 16.17 18.37 9.25
N LYS A 161 15.89 19.51 8.62
CA LYS A 161 16.01 20.82 9.25
C LYS A 161 14.70 21.58 9.12
N GLU A 162 14.34 22.35 10.14
CA GLU A 162 13.09 23.09 10.11
C GLU A 162 13.10 24.07 8.95
N ALA A 163 12.01 24.04 8.16
CA ALA A 163 11.94 24.81 6.91
C ALA A 163 10.98 25.99 7.01
N GLN A 164 9.66 25.75 7.03
CA GLN A 164 8.66 26.80 7.10
C GLN A 164 7.46 26.30 7.86
N PRO A 165 6.56 27.20 8.28
CA PRO A 165 5.34 26.75 8.98
C PRO A 165 4.31 26.17 8.02
N ILE A 166 3.69 25.06 8.45
CA ILE A 166 2.56 24.44 7.77
C ILE A 166 1.54 24.05 8.83
N THR A 167 0.67 23.11 8.50
CA THR A 167 -0.19 22.48 9.51
C THR A 167 -0.08 20.97 9.37
N LEU A 168 -0.45 20.26 10.43
CA LEU A 168 -0.48 18.80 10.36
C LEU A 168 -1.42 18.34 9.26
N GLY A 169 -2.55 19.02 9.07
CA GLY A 169 -3.44 18.68 7.97
C GLY A 169 -2.78 18.77 6.61
N HIS A 170 -2.05 19.86 6.37
CA HIS A 170 -1.32 20.02 5.12
C HIS A 170 -0.35 18.88 4.88
N TYR A 171 0.41 18.50 5.91
CA TYR A 171 1.35 17.39 5.79
C TYR A 171 0.63 16.11 5.40
N LEU A 172 -0.45 15.76 6.11
CA LEU A 172 -1.18 14.54 5.84
C LEU A 172 -1.72 14.51 4.42
N MET A 173 -2.07 15.67 3.86
CA MET A 173 -2.57 15.67 2.49
C MET A 173 -1.48 15.40 1.47
N ALA A 174 -0.20 15.57 1.81
CA ALA A 174 0.85 15.09 0.93
C ALA A 174 0.78 13.57 0.84
N ILE A 175 0.59 12.92 1.99
CA ILE A 175 0.47 11.46 2.01
C ILE A 175 -0.76 11.03 1.21
N SER A 176 -1.87 11.76 1.34
CA SER A 176 -3.06 11.41 0.58
C SER A 176 -2.80 11.42 -0.93
N GLU A 177 -2.06 12.42 -1.41
CA GLU A 177 -1.77 12.51 -2.85
C GLU A 177 -0.84 11.40 -3.29
N ASN A 178 0.15 11.05 -2.46
CA ASN A 178 0.99 9.88 -2.70
C ASN A 178 0.14 8.63 -2.87
N LEU A 179 -0.82 8.45 -1.95
CA LEU A 179 -1.63 7.25 -1.96
C LEU A 179 -2.58 7.22 -3.15
N ALA A 180 -3.08 8.37 -3.57
CA ALA A 180 -3.92 8.39 -4.75
C ALA A 180 -3.17 7.84 -5.96
N LYS A 181 -1.90 8.22 -6.11
CA LYS A 181 -1.12 7.76 -7.25
C LYS A 181 -0.78 6.28 -7.11
N ASN A 182 -0.51 5.80 -5.88
CA ASN A 182 -0.30 4.38 -5.68
C ASN A 182 -1.56 3.57 -5.98
N LEU A 183 -2.74 4.11 -5.65
CA LEU A 183 -3.98 3.42 -6.01
C LEU A 183 -4.12 3.33 -7.53
N ASP A 184 -3.77 4.39 -8.26
CA ASP A 184 -3.73 4.30 -9.72
C ASP A 184 -2.76 3.20 -10.17
N ARG A 185 -1.56 3.15 -9.59
CA ARG A 185 -0.61 2.12 -10.00
C ARG A 185 -1.21 0.72 -9.82
N TYR A 186 -1.87 0.49 -8.68
CA TYR A 186 -2.44 -0.82 -8.41
C TYR A 186 -3.62 -1.13 -9.32
N ARG A 187 -4.50 -0.17 -9.60
CA ARG A 187 -5.62 -0.44 -10.51
C ARG A 187 -5.13 -0.67 -11.95
N GLU A 188 -4.10 0.06 -12.36
CA GLU A 188 -3.49 -0.19 -13.67
C GLU A 188 -2.93 -1.59 -13.75
N LEU A 189 -2.24 -2.03 -12.68
CA LEU A 189 -1.74 -3.39 -12.61
C LEU A 189 -2.87 -4.41 -12.65
N TYR A 190 -3.97 -4.12 -11.95
CA TYR A 190 -5.08 -5.07 -11.89
C TYR A 190 -5.53 -5.43 -13.30
N ALA A 191 -5.55 -4.46 -14.21
CA ALA A 191 -6.05 -4.74 -15.56
C ALA A 191 -5.16 -5.74 -16.29
N ARG A 192 -3.86 -5.77 -15.96
CA ARG A 192 -2.94 -6.73 -16.55
C ARG A 192 -2.96 -8.08 -15.83
N ILE A 193 -3.19 -8.09 -14.51
CA ILE A 193 -3.30 -9.35 -13.78
C ILE A 193 -4.55 -10.09 -14.18
N ASN A 194 -5.65 -9.36 -14.39
CA ASN A 194 -6.96 -9.97 -14.58
C ASN A 194 -7.22 -10.33 -16.04
N LEU A 195 -6.28 -11.06 -16.62
CA LEU A 195 -6.35 -11.60 -17.97
C LEU A 195 -6.08 -13.09 -17.90
N CYS A 196 -6.86 -13.89 -18.64
CA CYS A 196 -6.84 -15.33 -18.50
C CYS A 196 -5.90 -15.98 -19.51
N PRO A 197 -4.90 -16.75 -19.09
CA PRO A 197 -4.01 -17.44 -20.04
C PRO A 197 -4.46 -18.86 -20.37
N LEU A 198 -5.55 -19.35 -19.80
CA LEU A 198 -6.00 -20.70 -20.07
C LEU A 198 -6.36 -20.88 -21.54
N GLY A 199 -5.99 -22.03 -22.08
CA GLY A 199 -6.08 -22.29 -23.51
C GLY A 199 -4.74 -22.25 -24.20
N ALA A 200 -3.73 -21.66 -23.55
CA ALA A 200 -2.37 -21.74 -24.06
C ALA A 200 -1.80 -23.16 -23.93
N ALA A 201 -2.38 -23.97 -23.05
CA ALA A 201 -1.91 -25.34 -22.81
C ALA A 201 -0.42 -25.29 -22.49
N ALA A 202 0.43 -26.06 -23.19
CA ALA A 202 1.84 -26.11 -22.85
C ALA A 202 2.55 -24.80 -23.16
N THR A 203 2.10 -24.10 -24.19
CA THR A 203 2.75 -22.91 -24.73
C THR A 203 2.31 -22.62 -26.17
N ALA A 204 1.61 -23.56 -26.82
CA ALA A 204 1.26 -23.45 -28.23
C ALA A 204 -0.22 -23.67 -28.51
N GLY A 205 -1.07 -23.60 -27.49
CA GLY A 205 -2.46 -23.93 -27.72
C GLY A 205 -2.66 -25.43 -27.91
N THR A 206 -3.71 -25.77 -28.62
CA THR A 206 -4.16 -27.15 -28.72
C THR A 206 -5.06 -27.31 -29.93
N GLY A 207 -5.11 -28.53 -30.45
CA GLY A 207 -6.08 -28.86 -31.46
C GLY A 207 -7.48 -29.11 -30.95
N TRP A 208 -7.66 -29.26 -29.64
CA TRP A 208 -9.01 -29.40 -29.10
C TRP A 208 -9.77 -28.08 -29.23
N PRO A 209 -11.06 -28.13 -29.56
CA PRO A 209 -11.79 -26.87 -29.82
C PRO A 209 -12.29 -26.20 -28.53
N LEU A 210 -11.35 -25.61 -27.80
CA LEU A 210 -11.71 -24.93 -26.57
C LEU A 210 -12.41 -23.61 -26.88
N ASN A 211 -13.21 -23.15 -25.93
CA ASN A 211 -13.75 -21.80 -25.94
C ASN A 211 -13.04 -21.03 -24.82
N ARG A 212 -11.97 -20.34 -25.19
CA ARG A 212 -11.14 -19.67 -24.18
C ARG A 212 -11.90 -18.56 -23.48
N ASP A 213 -12.84 -17.91 -24.18
CA ASP A 213 -13.63 -16.85 -23.55
C ASP A 213 -14.54 -17.39 -22.47
N ARG A 214 -15.06 -18.61 -22.62
CA ARG A 214 -15.95 -19.16 -21.60
C ARG A 214 -15.18 -19.47 -20.32
N THR A 215 -14.04 -20.13 -20.43
CA THR A 215 -13.26 -20.46 -19.24
C THR A 215 -12.89 -19.17 -18.51
N SER A 216 -12.48 -18.16 -19.27
CA SER A 216 -12.12 -16.86 -18.72
C SER A 216 -13.29 -16.24 -17.96
N ALA A 217 -14.47 -16.23 -18.57
CA ALA A 217 -15.64 -15.64 -17.93
C ALA A 217 -16.01 -16.40 -16.66
N LEU A 218 -15.97 -17.73 -16.71
CA LEU A 218 -16.33 -18.53 -15.54
C LEU A 218 -15.41 -18.25 -14.35
N LEU A 219 -14.17 -17.82 -14.61
CA LEU A 219 -13.18 -17.55 -13.58
C LEU A 219 -13.03 -16.07 -13.28
N GLY A 220 -13.93 -15.23 -13.79
CA GLY A 220 -13.93 -13.82 -13.45
C GLY A 220 -12.91 -12.95 -14.14
N PHE A 221 -12.19 -13.47 -15.13
CA PHE A 221 -11.22 -12.63 -15.83
C PHE A 221 -11.94 -11.66 -16.76
N ASP A 222 -11.28 -10.54 -17.06
CA ASP A 222 -11.86 -9.48 -17.88
C ASP A 222 -11.42 -9.54 -19.33
N GLY A 223 -10.54 -10.47 -19.69
CA GLY A 223 -10.03 -10.59 -21.04
C GLY A 223 -9.04 -11.73 -21.04
N LEU A 224 -8.43 -11.97 -22.21
CA LEU A 224 -7.48 -13.05 -22.38
C LEU A 224 -6.06 -12.52 -22.44
N VAL A 225 -5.11 -13.34 -22.00
CA VAL A 225 -3.74 -13.26 -22.50
C VAL A 225 -3.81 -14.02 -23.82
N VAL A 226 -3.66 -13.31 -24.93
CA VAL A 226 -4.05 -13.90 -26.21
C VAL A 226 -3.02 -14.92 -26.69
N ASN A 227 -1.81 -14.45 -26.99
CA ASN A 227 -0.79 -15.33 -27.55
C ASN A 227 -0.41 -16.42 -26.54
N SER A 228 -0.36 -17.66 -27.03
CA SER A 228 -0.17 -18.82 -26.15
C SER A 228 1.20 -18.83 -25.48
N ILE A 229 2.25 -18.33 -26.16
CA ILE A 229 3.54 -18.22 -25.51
C ILE A 229 3.46 -17.18 -24.39
N GLU A 230 2.89 -16.01 -24.69
CA GLU A 230 2.72 -15.01 -23.66
C GLU A 230 1.90 -15.56 -22.49
N GLY A 231 0.95 -16.44 -22.78
CA GLY A 231 0.13 -17.02 -21.73
C GLY A 231 0.92 -17.80 -20.70
N VAL A 232 1.98 -18.50 -21.14
CA VAL A 232 2.79 -19.29 -20.20
C VAL A 232 4.12 -18.65 -19.82
N ALA A 233 4.72 -17.89 -20.74
CA ALA A 233 5.99 -17.23 -20.51
C ALA A 233 5.84 -15.89 -19.82
N GLY A 234 4.68 -15.25 -19.95
CA GLY A 234 4.47 -13.92 -19.41
C GLY A 234 4.53 -13.91 -17.89
N TRP A 235 5.32 -12.98 -17.35
CA TRP A 235 5.55 -12.88 -15.92
C TRP A 235 5.70 -11.42 -15.51
N ASP A 236 5.52 -10.48 -16.43
CA ASP A 236 5.84 -9.09 -16.09
C ASP A 236 4.88 -8.56 -15.04
N HIS A 237 3.64 -9.08 -15.01
CA HIS A 237 2.66 -8.68 -14.00
C HIS A 237 3.12 -9.06 -12.60
N VAL A 238 3.89 -10.15 -12.46
CA VAL A 238 4.41 -10.55 -11.17
C VAL A 238 5.49 -9.57 -10.71
N ALA A 239 6.41 -9.23 -11.63
CA ALA A 239 7.40 -8.19 -11.34
C ALA A 239 6.73 -6.87 -11.00
N GLU A 240 5.69 -6.51 -11.75
CA GLU A 240 5.02 -5.23 -11.53
C GLU A 240 4.30 -5.19 -10.18
N HIS A 241 3.67 -6.31 -9.79
CA HIS A 241 3.06 -6.39 -8.47
C HIS A 241 4.09 -6.19 -7.36
N ALA A 242 5.25 -6.84 -7.50
CA ALA A 242 6.33 -6.66 -6.54
C ALA A 242 6.80 -5.21 -6.52
N PHE A 243 6.89 -4.57 -7.68
CA PHE A 243 7.32 -3.18 -7.71
C PHE A 243 6.33 -2.24 -7.02
N VAL A 244 5.03 -2.35 -7.36
CA VAL A 244 4.10 -1.41 -6.77
C VAL A 244 4.11 -1.57 -5.25
N ASN A 245 4.19 -2.83 -4.78
CA ASN A 245 4.32 -3.05 -3.34
C ASN A 245 5.54 -2.32 -2.79
N ALA A 246 6.68 -2.44 -3.47
CA ALA A 246 7.90 -1.83 -2.95
C ALA A 246 7.81 -0.30 -2.94
N VAL A 247 7.30 0.30 -4.01
CA VAL A 247 7.26 1.76 -4.05
C VAL A 247 6.23 2.31 -3.08
N PHE A 248 5.03 1.70 -3.03
CA PHE A 248 4.04 2.07 -2.03
C PHE A 248 4.62 1.96 -0.62
N LEU A 249 5.28 0.84 -0.32
CA LEU A 249 5.83 0.67 1.02
C LEU A 249 6.94 1.67 1.30
N SER A 250 7.68 2.11 0.27
CA SER A 250 8.72 3.10 0.54
C SER A 250 8.10 4.39 1.04
N GLY A 251 6.91 4.76 0.55
CA GLY A 251 6.27 5.95 1.07
C GLY A 251 5.75 5.75 2.48
N LEU A 252 5.33 4.52 2.78
CA LEU A 252 4.93 4.15 4.13
C LEU A 252 6.12 4.18 5.08
N SER A 253 7.28 3.68 4.66
CA SER A 253 8.49 3.83 5.45
C SER A 253 8.81 5.29 5.74
N ARG A 254 8.65 6.16 4.73
CA ARG A 254 8.96 7.57 4.92
C ARG A 254 8.05 8.23 5.94
N LEU A 255 6.76 7.90 5.90
CA LEU A 255 5.85 8.41 6.92
C LEU A 255 6.19 7.86 8.29
N ALA A 256 6.46 6.55 8.38
CA ALA A 256 6.86 5.98 9.66
C ALA A 256 8.10 6.66 10.20
N SER A 257 9.10 6.90 9.35
CA SER A 257 10.31 7.58 9.79
C SER A 257 10.00 9.00 10.25
N GLU A 258 9.14 9.71 9.52
CA GLU A 258 8.76 11.07 9.89
C GLU A 258 8.16 11.09 11.30
N ILE A 259 7.23 10.18 11.55
CA ILE A 259 6.57 10.10 12.85
C ILE A 259 7.56 9.67 13.93
N GLN A 260 8.47 8.77 13.60
CA GLN A 260 9.49 8.37 14.56
C GLN A 260 10.34 9.58 14.98
N LEU A 261 10.70 10.46 14.04
CA LEU A 261 11.44 11.65 14.42
C LEU A 261 10.58 12.61 15.24
N TRP A 262 9.33 12.84 14.81
CA TRP A 262 8.44 13.70 15.59
C TRP A 262 8.31 13.25 17.04
N SER A 263 8.36 11.94 17.27
CA SER A 263 8.14 11.35 18.58
C SER A 263 9.42 10.99 19.31
N THR A 264 10.58 11.43 18.82
CA THR A 264 11.80 11.32 19.60
C THR A 264 11.64 12.08 20.92
N ASP A 265 12.49 11.74 21.89
CA ASP A 265 12.52 12.46 23.15
C ASP A 265 12.90 13.93 22.94
N GLU A 266 13.63 14.23 21.88
CA GLU A 266 14.13 15.57 21.61
C GLU A 266 13.15 16.42 20.82
N TYR A 267 12.52 15.89 19.78
CA TYR A 267 11.50 16.68 19.10
C TYR A 267 10.27 16.81 19.98
N GLN A 268 9.74 15.66 20.43
CA GLN A 268 8.54 15.56 21.28
C GLN A 268 7.38 16.41 20.75
N VAL A 269 7.17 16.37 19.44
CA VAL A 269 6.00 17.05 18.87
C VAL A 269 4.84 16.11 18.57
N ALA A 270 5.04 14.80 18.68
CA ALA A 270 3.93 13.86 18.62
C ALA A 270 4.27 12.69 19.52
N GLU A 271 3.23 11.97 19.92
CA GLU A 271 3.38 10.77 20.73
C GLU A 271 2.50 9.67 20.15
N LEU A 272 3.08 8.48 20.02
CA LEU A 272 2.28 7.34 19.61
C LEU A 272 1.26 7.00 20.69
N ASP A 273 0.09 6.55 20.26
CA ASP A 273 -0.83 5.92 21.21
C ASP A 273 -0.12 4.75 21.88
N ALA A 274 -0.38 4.57 23.18
CA ALA A 274 0.20 3.47 23.93
C ALA A 274 0.01 2.13 23.23
N SER A 275 -1.11 1.94 22.54
CA SER A 275 -1.42 0.68 21.89
C SER A 275 -0.56 0.43 20.66
N PHE A 276 0.24 1.39 20.24
CA PHE A 276 1.15 1.24 19.10
C PHE A 276 2.61 1.34 19.51
N ALA A 277 2.91 1.30 20.80
CA ALA A 277 4.28 1.36 21.29
C ALA A 277 4.55 0.19 22.21
N GLY A 278 5.83 -0.14 22.32
CA GLY A 278 6.28 -1.14 23.27
C GLY A 278 7.25 -0.56 24.27
N THR A 279 7.96 -1.40 25.01
CA THR A 279 8.98 -0.92 25.93
C THR A 279 10.17 -1.86 25.87
N SER A 280 11.10 -1.69 26.80
CA SER A 280 12.32 -2.48 26.89
C SER A 280 12.29 -3.41 28.08
N SER A 281 12.90 -4.59 27.90
CA SER A 281 13.03 -5.56 29.00
C SER A 281 13.98 -5.09 30.09
N ILE A 282 14.80 -4.07 29.82
CA ILE A 282 15.81 -3.58 30.75
C ILE A 282 15.61 -2.11 31.11
N MET A 283 15.30 -1.24 30.14
CA MET A 283 15.24 0.19 30.35
C MET A 283 13.81 0.64 30.62
N PRO A 284 13.42 0.94 31.86
CA PRO A 284 12.00 1.17 32.14
C PRO A 284 11.45 2.45 31.55
N GLN A 285 12.31 3.41 31.16
CA GLN A 285 11.82 4.64 30.58
C GLN A 285 11.33 4.49 29.15
N LYS A 286 11.60 3.37 28.47
CA LYS A 286 11.37 3.33 27.04
C LYS A 286 9.89 3.29 26.67
N LYS A 287 9.50 4.16 25.75
CA LYS A 287 8.25 4.03 25.01
C LYS A 287 8.70 3.87 23.56
N ASN A 288 8.80 2.64 23.07
CA ASN A 288 9.51 2.35 21.84
C ASN A 288 8.57 2.31 20.64
N PRO A 289 9.00 2.90 19.51
CA PRO A 289 8.16 2.95 18.30
C PRO A 289 8.23 1.65 17.50
N MET A 290 7.88 0.53 18.15
N MET A 290 7.87 0.55 18.16
CA MET A 290 8.03 -0.77 17.50
CA MET A 290 8.00 -0.76 17.54
C MET A 290 7.08 -0.93 16.32
C MET A 290 7.08 -0.93 16.34
N SER A 291 5.90 -0.31 16.38
CA SER A 291 5.00 -0.36 15.23
C SER A 291 5.64 0.28 14.02
N LEU A 292 6.32 1.43 14.23
CA LEU A 292 6.96 2.13 13.12
C LEU A 292 8.13 1.34 12.58
N GLU A 293 8.97 0.79 13.46
CA GLU A 293 10.17 0.11 12.99
C GLU A 293 9.84 -1.20 12.28
N ARG A 294 8.86 -1.96 12.79
CA ARG A 294 8.48 -3.17 12.08
C ARG A 294 7.76 -2.87 10.78
N SER A 295 7.08 -1.72 10.69
CA SER A 295 6.50 -1.32 9.41
C SER A 295 7.59 -1.00 8.39
N ARG A 296 8.61 -0.25 8.80
CA ARG A 296 9.74 0.00 7.93
C ARG A 296 10.43 -1.30 7.50
N LYS A 297 10.58 -2.24 8.45
CA LYS A 297 11.19 -3.53 8.14
C LYS A 297 10.48 -4.20 6.96
N ALA A 298 9.15 -4.18 6.96
CA ALA A 298 8.38 -4.75 5.84
C ALA A 298 8.67 -4.02 4.54
N ALA A 299 8.78 -2.69 4.60
CA ALA A 299 9.13 -1.91 3.42
C ALA A 299 10.47 -2.35 2.86
N PHE A 300 11.49 -2.46 3.72
CA PHE A 300 12.82 -2.84 3.23
C PHE A 300 12.77 -4.25 2.65
N ALA A 301 12.06 -5.16 3.31
CA ALA A 301 12.03 -6.54 2.85
C ALA A 301 11.36 -6.66 1.49
N ALA A 302 10.42 -5.77 1.17
CA ALA A 302 9.72 -5.80 -0.11
C ALA A 302 10.65 -5.56 -1.29
N MET A 303 11.85 -5.04 -1.05
CA MET A 303 12.82 -4.93 -2.13
C MET A 303 13.24 -6.31 -2.64
N GLY A 304 13.16 -7.32 -1.77
CA GLY A 304 13.74 -8.61 -2.06
C GLY A 304 13.01 -9.35 -3.17
N PRO A 305 11.69 -9.53 -3.04
CA PRO A 305 10.96 -10.18 -4.15
C PRO A 305 11.13 -9.45 -5.46
N LEU A 306 11.10 -8.12 -5.43
CA LEU A 306 11.26 -7.34 -6.66
C LEU A 306 12.55 -7.71 -7.39
N VAL A 307 13.67 -7.73 -6.65
CA VAL A 307 14.97 -8.06 -7.26
C VAL A 307 15.03 -9.51 -7.69
N GLY A 308 14.56 -10.44 -6.86
CA GLY A 308 14.60 -11.84 -7.25
C GLY A 308 13.81 -12.13 -8.50
N ILE A 309 12.60 -11.55 -8.59
CA ILE A 309 11.75 -11.78 -9.76
C ILE A 309 12.43 -11.23 -11.00
N LEU A 310 12.88 -9.97 -10.96
CA LEU A 310 13.52 -9.38 -12.13
C LEU A 310 14.81 -10.09 -12.50
N THR A 311 15.61 -10.51 -11.51
CA THR A 311 16.81 -11.29 -11.83
C THR A 311 16.42 -12.54 -12.61
N SER A 312 15.38 -13.25 -12.15
CA SER A 312 15.00 -14.50 -12.80
C SER A 312 14.55 -14.25 -14.24
N LEU A 313 13.86 -13.13 -14.51
CA LEU A 313 13.41 -12.86 -15.86
C LEU A 313 14.57 -12.47 -16.75
N ASN A 314 15.56 -11.78 -16.20
CA ASN A 314 16.77 -11.45 -16.94
C ASN A 314 17.65 -12.66 -17.21
N ALA A 315 17.35 -13.82 -16.64
CA ALA A 315 18.25 -14.97 -16.70
C ALA A 315 17.82 -16.04 -17.69
N ILE A 316 16.64 -15.90 -18.31
CA ILE A 316 16.04 -16.96 -19.12
C ILE A 316 15.72 -16.47 -20.52
N GLU A 317 15.05 -17.31 -21.32
CA GLU A 317 14.52 -16.97 -22.62
C GLU A 317 13.04 -16.58 -22.49
N TYR A 318 12.39 -16.29 -23.61
CA TYR A 318 10.97 -15.89 -23.58
C TYR A 318 10.13 -17.15 -23.66
N GLN A 319 10.27 -17.97 -22.61
CA GLN A 319 9.71 -19.30 -22.53
C GLN A 319 9.05 -19.52 -21.18
N MET A 320 8.17 -20.52 -21.12
CA MET A 320 7.84 -21.13 -19.84
CA MET A 320 7.85 -21.12 -19.84
C MET A 320 9.12 -21.65 -19.20
N SER A 321 9.30 -21.36 -17.93
CA SER A 321 10.50 -21.74 -17.19
C SER A 321 10.12 -21.98 -15.74
N ALA A 322 10.64 -23.05 -15.17
CA ALA A 322 10.49 -23.30 -13.73
C ALA A 322 11.51 -22.55 -12.90
N ALA A 323 12.36 -21.72 -13.51
CA ALA A 323 13.36 -20.97 -12.77
C ALA A 323 12.88 -19.59 -12.33
N ARG A 324 11.67 -19.19 -12.70
CA ARG A 324 11.19 -17.86 -12.36
C ARG A 324 10.83 -17.78 -10.88
N VAL A 325 11.20 -16.68 -10.27
CA VAL A 325 10.88 -16.39 -8.86
C VAL A 325 9.47 -15.82 -8.77
N GLU A 326 8.79 -16.18 -7.70
CA GLU A 326 7.39 -15.86 -7.48
CA GLU A 326 7.38 -15.86 -7.48
C GLU A 326 7.25 -14.75 -6.44
N LEU A 327 6.07 -14.12 -6.44
CA LEU A 327 5.66 -13.25 -5.35
C LEU A 327 4.86 -14.08 -4.35
N GLU A 328 5.36 -14.20 -3.14
CA GLU A 328 4.84 -15.19 -2.20
C GLU A 328 3.88 -14.59 -1.19
N PRO A 329 3.00 -15.42 -0.66
CA PRO A 329 2.00 -14.92 0.30
C PRO A 329 2.59 -14.15 1.46
N ARG A 330 3.70 -14.62 2.04
CA ARG A 330 4.25 -13.94 3.21
C ARG A 330 4.64 -12.51 2.90
N SER A 331 5.08 -12.22 1.68
CA SER A 331 5.44 -10.86 1.32
C SER A 331 4.21 -9.96 1.30
N ILE A 332 3.12 -10.43 0.69
CA ILE A 332 1.91 -9.63 0.67
C ILE A 332 1.37 -9.49 2.07
N ASP A 333 1.41 -10.57 2.85
CA ASP A 333 0.91 -10.50 4.21
C ASP A 333 1.64 -9.44 5.03
N ALA A 334 2.96 -9.30 4.82
CA ALA A 334 3.72 -8.27 5.52
C ALA A 334 3.26 -6.88 5.14
N LEU A 335 3.03 -6.64 3.85
CA LEU A 335 2.54 -5.35 3.38
C LEU A 335 1.22 -5.01 4.04
N ILE A 336 0.32 -5.98 4.14
CA ILE A 336 -1.00 -5.71 4.71
C ILE A 336 -0.86 -5.38 6.19
N ALA A 337 -0.02 -6.13 6.91
CA ALA A 337 0.19 -5.86 8.33
C ALA A 337 0.75 -4.46 8.55
N ALA A 338 1.74 -4.06 7.74
CA ALA A 338 2.32 -2.73 7.88
C ALA A 338 1.30 -1.66 7.53
N THR A 339 0.51 -1.89 6.47
CA THR A 339 -0.48 -0.89 6.09
C THR A 339 -1.53 -0.71 7.17
N HIS A 340 -2.03 -1.83 7.73
CA HIS A 340 -2.97 -1.75 8.83
C HIS A 340 -2.36 -1.07 10.05
N ALA A 341 -1.11 -1.42 10.38
CA ALA A 341 -0.46 -0.79 11.53
C ALA A 341 -0.37 0.72 11.34
N MET A 342 0.07 1.17 10.16
CA MET A 342 0.23 2.60 9.93
C MET A 342 -1.12 3.31 9.85
N THR A 343 -2.17 2.62 9.40
CA THR A 343 -3.53 3.16 9.46
C THR A 343 -3.90 3.48 10.90
N GLY A 344 -3.64 2.55 11.81
CA GLY A 344 -3.94 2.79 13.22
C GLY A 344 -3.03 3.82 13.86
N VAL A 345 -1.74 3.80 13.50
CA VAL A 345 -0.81 4.82 13.99
C VAL A 345 -1.33 6.21 13.66
N VAL A 346 -1.72 6.42 12.40
CA VAL A 346 -2.18 7.74 11.97
C VAL A 346 -3.48 8.11 12.67
N ARG A 347 -4.43 7.18 12.70
CA ARG A 347 -5.71 7.48 13.34
C ARG A 347 -5.52 7.91 14.79
N THR A 348 -4.63 7.24 15.51
CA THR A 348 -4.53 7.44 16.95
C THR A 348 -3.37 8.34 17.37
N LEU A 349 -2.63 8.92 16.43
CA LEU A 349 -1.48 9.72 16.79
C LEU A 349 -1.89 10.93 17.63
N HIS A 350 -1.08 11.23 18.64
CA HIS A 350 -1.34 12.36 19.52
C HIS A 350 -0.36 13.49 19.24
N PRO A 351 -0.73 14.50 18.45
CA PRO A 351 0.18 15.64 18.27
C PRO A 351 0.24 16.49 19.53
N ASN A 352 1.43 17.01 19.84
CA ASN A 352 1.62 17.96 20.93
CA ASN A 352 1.62 17.96 20.93
C ASN A 352 1.48 19.35 20.33
N LYS A 353 0.25 19.89 20.31
CA LYS A 353 -0.03 21.10 19.56
C LYS A 353 0.77 22.28 20.09
N GLU A 354 0.94 22.35 21.42
CA GLU A 354 1.65 23.50 21.99
C GLU A 354 3.11 23.48 21.60
N ARG A 355 3.76 22.32 21.66
CA ARG A 355 5.17 22.24 21.29
C ARG A 355 5.35 22.48 19.80
N MET A 356 4.44 21.96 18.97
CA MET A 356 4.51 22.23 17.54
C MET A 356 4.48 23.73 17.27
N ARG A 357 3.54 24.44 17.90
CA ARG A 357 3.46 25.89 17.72
C ARG A 357 4.71 26.57 18.25
N GLN A 358 5.22 26.11 19.40
CA GLN A 358 6.41 26.73 19.98
C GLN A 358 7.59 26.67 19.00
N TYR A 359 7.87 25.50 18.47
CA TYR A 359 8.96 25.39 17.49
C TYR A 359 8.72 26.32 16.31
N ALA A 360 7.49 26.32 15.78
CA ALA A 360 7.20 27.17 14.62
C ALA A 360 7.46 28.64 14.92
N ALA A 361 7.15 29.08 16.14
CA ALA A 361 7.30 30.47 16.51
C ALA A 361 8.74 30.82 16.89
N GLU A 362 9.51 29.86 17.38
CA GLU A 362 10.79 30.16 18.01
C GLU A 362 12.03 29.77 17.21
N ASN A 363 11.96 28.78 16.31
CA ASN A 363 13.17 28.17 15.76
C ASN A 363 13.51 28.59 14.34
N TYR A 364 13.01 29.73 13.88
CA TYR A 364 13.46 30.47 12.69
C TYR A 364 12.85 30.00 11.38
N SER A 365 11.85 29.13 11.39
CA SER A 365 11.18 28.76 10.16
C SER A 365 10.40 29.93 9.53
N THR A 366 10.16 31.01 10.28
CA THR A 366 9.46 32.18 9.73
C THR A 366 10.38 33.12 8.97
N MET A 367 11.66 32.78 8.77
CA MET A 367 12.56 33.75 8.16
C MET A 367 12.28 33.99 6.67
N THR A 368 11.70 33.03 5.97
CA THR A 368 11.36 33.29 4.56
C THR A 368 10.35 34.41 4.48
N ASP A 369 9.33 34.38 5.33
CA ASP A 369 8.34 35.45 5.29
C ASP A 369 8.95 36.81 5.62
N LEU A 370 9.92 36.85 6.56
CA LEU A 370 10.62 38.10 6.81
C LEU A 370 11.36 38.58 5.56
N THR A 371 12.00 37.66 4.84
CA THR A 371 12.71 38.01 3.60
C THR A 371 11.75 38.48 2.51
N ASP A 372 10.66 37.74 2.30
CA ASP A 372 9.68 38.13 1.30
C ASP A 372 9.10 39.50 1.60
N MET A 373 8.94 39.81 2.90
CA MET A 373 8.42 41.11 3.29
C MET A 373 9.35 42.23 2.88
N LEU A 374 10.67 42.04 3.05
CA LEU A 374 11.61 43.07 2.63
C LEU A 374 11.51 43.32 1.12
N VAL A 375 11.49 42.24 0.33
CA VAL A 375 11.36 42.38 -1.11
C VAL A 375 10.07 43.13 -1.45
N ARG A 376 8.96 42.71 -0.84
CA ARG A 376 7.66 43.27 -1.18
C ARG A 376 7.54 44.72 -0.72
N ARG A 377 8.09 45.05 0.46
CA ARG A 377 7.90 46.38 1.03
C ARG A 377 8.89 47.41 0.48
N VAL A 378 10.17 47.05 0.34
CA VAL A 378 11.18 48.00 -0.10
C VAL A 378 11.71 47.70 -1.50
N GLY A 379 11.29 46.60 -2.12
CA GLY A 379 11.60 46.34 -3.51
C GLY A 379 13.00 45.86 -3.80
N ILE A 380 13.80 45.55 -2.78
CA ILE A 380 15.11 44.95 -3.03
C ILE A 380 14.91 43.58 -3.68
N ASP A 381 15.98 43.07 -4.30
CA ASP A 381 15.92 41.75 -4.94
C ASP A 381 16.01 40.67 -3.88
N TYR A 382 15.60 39.44 -4.26
CA TYR A 382 15.49 38.38 -3.26
C TYR A 382 16.85 37.99 -2.69
N ARG A 383 17.89 38.02 -3.51
CA ARG A 383 19.21 37.61 -3.03
C ARG A 383 19.74 38.56 -1.96
N GLU A 384 19.55 39.87 -2.11
CA GLU A 384 20.05 40.78 -1.07
C GLU A 384 19.22 40.68 0.21
N ALA A 385 17.91 40.54 0.08
CA ALA A 385 17.07 40.36 1.25
C ALA A 385 17.48 39.12 2.02
N HIS A 386 17.75 38.03 1.30
CA HIS A 386 18.15 36.77 1.94
C HIS A 386 19.41 36.96 2.76
N GLU A 387 20.39 37.69 2.24
CA GLU A 387 21.64 37.89 2.97
C GLU A 387 21.42 38.68 4.26
N ILE A 388 20.54 39.68 4.21
CA ILE A 388 20.22 40.44 5.42
C ILE A 388 19.59 39.52 6.46
N VAL A 389 18.59 38.74 6.05
CA VAL A 389 17.90 37.90 7.01
C VAL A 389 18.78 36.78 7.54
N ALA A 390 19.68 36.23 6.71
CA ALA A 390 20.62 35.26 7.26
C ALA A 390 21.43 35.87 8.40
N HIS A 391 21.84 37.14 8.24
CA HIS A 391 22.58 37.82 9.30
C HIS A 391 21.72 37.99 10.54
N VAL A 392 20.43 38.28 10.35
CA VAL A 392 19.52 38.35 11.49
C VAL A 392 19.57 37.03 12.26
N VAL A 393 19.47 35.91 11.55
CA VAL A 393 19.44 34.62 12.22
C VAL A 393 20.76 34.37 12.94
N ILE A 394 21.89 34.63 12.26
CA ILE A 394 23.19 34.39 12.87
C ILE A 394 23.32 35.18 14.17
N THR A 395 22.96 36.46 14.11
CA THR A 395 23.04 37.30 15.31
C THR A 395 22.06 36.82 16.36
N ALA A 396 20.84 36.45 15.96
CA ALA A 396 19.84 36.03 16.94
C ALA A 396 20.29 34.76 17.67
N ILE A 397 20.88 33.81 16.95
CA ILE A 397 21.36 32.60 17.59
C ILE A 397 22.50 32.93 18.56
N GLU A 398 23.42 33.80 18.15
CA GLU A 398 24.53 34.16 19.01
C GLU A 398 24.04 34.83 20.30
N LYS A 399 23.03 35.68 20.20
CA LYS A 399 22.53 36.41 21.35
C LYS A 399 21.42 35.68 22.10
N GLY A 400 21.00 34.51 21.63
CA GLY A 400 19.96 33.76 22.31
C GLY A 400 18.56 34.33 22.15
N ILE A 401 18.30 34.97 21.01
CA ILE A 401 17.01 35.59 20.74
C ILE A 401 16.18 34.61 19.91
N LYS A 402 15.06 34.14 20.47
CA LYS A 402 14.15 33.29 19.72
C LYS A 402 13.51 34.09 18.59
N ALA A 403 13.06 33.37 17.55
CA ALA A 403 12.60 34.06 16.35
C ALA A 403 11.49 35.04 16.65
N ASN A 404 10.57 34.68 17.54
CA ASN A 404 9.41 35.53 17.81
C ASN A 404 9.74 36.74 18.67
N LYS A 405 10.98 36.83 19.15
CA LYS A 405 11.48 37.99 19.87
C LYS A 405 12.38 38.88 19.01
N ILE A 406 12.59 38.52 17.75
CA ILE A 406 13.30 39.40 16.82
C ILE A 406 12.46 40.64 16.57
N GLY A 407 13.11 41.81 16.64
CA GLY A 407 12.41 43.06 16.46
C GLY A 407 13.09 44.02 15.51
N LEU A 408 12.64 45.28 15.52
CA LEU A 408 13.14 46.25 14.57
C LEU A 408 14.62 46.51 14.75
N ASP A 409 15.10 46.56 16.00
CA ASP A 409 16.51 46.88 16.24
C ASP A 409 17.42 45.83 15.61
N LEU A 410 17.14 44.55 15.84
CA LEU A 410 18.00 43.50 15.30
C LEU A 410 17.98 43.49 13.78
N VAL A 411 16.82 43.75 13.17
CA VAL A 411 16.73 43.76 11.71
C VAL A 411 17.50 44.93 11.14
N GLN A 412 17.40 46.11 11.77
CA GLN A 412 18.13 47.27 11.26
C GLN A 412 19.63 47.06 11.38
N GLU A 413 20.07 46.49 12.51
CA GLU A 413 21.51 46.23 12.67
C GLU A 413 22.02 45.29 11.60
N ALA A 414 21.25 44.25 11.28
CA ALA A 414 21.68 43.32 10.25
C ALA A 414 21.76 44.00 8.89
N ALA A 415 20.76 44.81 8.56
CA ALA A 415 20.81 45.53 7.30
C ALA A 415 22.03 46.43 7.24
N VAL A 416 22.35 47.09 8.37
CA VAL A 416 23.51 47.98 8.41
C VAL A 416 24.80 47.17 8.31
N ALA A 417 24.91 46.09 9.10
CA ALA A 417 26.12 45.28 9.11
C ALA A 417 26.40 44.67 7.75
N GLN A 418 25.34 44.31 7.02
CA GLN A 418 25.50 43.60 5.75
C GLN A 418 25.44 44.53 4.54
N THR A 419 24.98 45.76 4.72
CA THR A 419 24.66 46.64 3.61
C THR A 419 25.10 48.08 3.86
N GLY A 420 25.50 48.43 5.08
CA GLY A 420 25.84 49.80 5.42
C GLY A 420 24.65 50.71 5.61
N ALA A 421 23.45 50.26 5.24
CA ALA A 421 22.25 51.08 5.23
C ALA A 421 21.14 50.39 6.00
N GLY A 422 20.30 51.18 6.64
CA GLY A 422 19.09 50.68 7.25
C GLY A 422 18.09 50.25 6.18
N ILE A 423 16.88 49.96 6.64
CA ILE A 423 15.83 49.48 5.73
C ILE A 423 14.50 49.99 6.22
N ASN A 424 13.66 50.43 5.28
CA ASN A 424 12.45 51.17 5.59
C ASN A 424 11.27 50.22 5.79
N VAL A 425 11.28 49.55 6.94
CA VAL A 425 10.18 48.67 7.35
C VAL A 425 9.88 48.96 8.83
N SER A 426 8.65 48.66 9.22
CA SER A 426 8.16 48.99 10.54
C SER A 426 8.24 47.77 11.46
N ALA A 427 8.10 48.06 12.77
CA ALA A 427 8.02 46.99 13.76
C ALA A 427 6.83 46.08 13.48
N ASP A 428 5.70 46.64 13.03
CA ASP A 428 4.54 45.81 12.75
C ASP A 428 4.73 44.94 11.51
N ASP A 429 5.45 45.46 10.50
CA ASP A 429 5.78 44.63 9.35
C ASP A 429 6.54 43.39 9.79
N ILE A 430 7.49 43.57 10.72
CA ILE A 430 8.32 42.47 11.20
C ILE A 430 7.49 41.50 12.04
N LYS A 431 6.73 42.03 13.01
CA LYS A 431 5.92 41.18 13.87
C LYS A 431 5.00 40.28 13.05
N ASP A 432 4.34 40.86 12.04
CA ASP A 432 3.42 40.08 11.23
C ASP A 432 4.15 39.05 10.38
N ALA A 433 5.37 39.37 9.94
CA ALA A 433 6.13 38.40 9.16
C ALA A 433 6.57 37.22 10.02
N LEU A 434 6.78 37.44 11.32
CA LEU A 434 7.30 36.41 12.21
C LEU A 434 6.20 35.62 12.91
N ASP A 435 4.94 35.94 12.67
CA ASP A 435 3.84 35.22 13.29
C ASP A 435 3.63 33.94 12.51
N PRO A 436 3.86 32.75 13.10
CA PRO A 436 3.81 31.53 12.29
C PRO A 436 2.42 31.23 11.75
N TRP A 437 1.36 31.63 12.44
CA TRP A 437 0.02 31.42 11.89
C TRP A 437 -0.21 32.30 10.67
N GLN A 438 0.29 33.54 10.71
CA GLN A 438 0.23 34.38 9.51
C GLN A 438 1.06 33.79 8.37
N ASN A 439 2.17 33.10 8.69
CA ASN A 439 2.91 32.42 7.63
C ASN A 439 2.02 31.39 6.94
N VAL A 440 1.23 30.66 7.72
CA VAL A 440 0.32 29.65 7.16
C VAL A 440 -0.76 30.33 6.34
N LEU A 441 -1.39 31.36 6.90
CA LEU A 441 -2.50 32.02 6.21
C LEU A 441 -2.05 32.65 4.89
N ARG A 442 -0.83 33.19 4.84
CA ARG A 442 -0.35 33.79 3.60
C ARG A 442 -0.12 32.77 2.50
N ARG A 443 0.11 31.51 2.85
CA ARG A 443 0.38 30.46 1.87
C ARG A 443 -0.95 29.81 1.49
N GLU A 444 -1.70 30.53 0.65
CA GLU A 444 -3.10 30.17 0.37
C GLU A 444 -3.35 29.68 -1.05
N GLY A 445 -2.33 29.43 -1.85
CA GLY A 445 -2.55 28.88 -3.18
C GLY A 445 -2.83 27.38 -3.18
N LYS A 446 -2.93 26.83 -4.40
CA LYS A 446 -3.19 25.41 -4.55
C LYS A 446 -2.08 24.59 -3.90
N GLY A 447 -2.48 23.66 -3.02
CA GLY A 447 -1.56 22.76 -2.37
C GLY A 447 -0.77 23.32 -1.21
N MET A 448 -1.12 24.51 -0.76
CA MET A 448 -0.41 25.23 0.30
C MET A 448 -1.15 25.07 1.61
N PRO A 449 -0.50 25.42 2.74
CA PRO A 449 -1.04 25.01 4.04
C PRO A 449 -2.18 25.84 4.61
N ALA A 450 -2.55 26.97 4.03
CA ALA A 450 -3.66 27.72 4.59
C ALA A 450 -4.89 26.83 4.73
N PRO A 451 -5.65 26.96 5.81
CA PRO A 451 -6.81 26.07 6.00
C PRO A 451 -7.77 25.98 4.81
N MET A 452 -8.08 27.10 4.15
CA MET A 452 -9.01 27.05 3.04
C MET A 452 -8.45 26.21 1.89
N SER A 453 -7.14 26.26 1.69
CA SER A 453 -6.51 25.48 0.63
C SER A 453 -6.48 24.00 0.99
N VAL A 454 -6.09 23.68 2.23
CA VAL A 454 -6.07 22.28 2.63
C VAL A 454 -7.48 21.70 2.60
N LYS A 455 -8.49 22.48 3.02
CA LYS A 455 -9.85 21.97 2.98
C LYS A 455 -10.29 21.68 1.55
N ALA A 456 -9.88 22.52 0.60
CA ALA A 456 -10.18 22.22 -0.80
C ALA A 456 -9.60 20.88 -1.21
N SER A 457 -8.37 20.60 -0.79
CA SER A 457 -7.73 19.32 -1.10
C SER A 457 -8.46 18.18 -0.41
N ILE A 458 -8.92 18.40 0.81
CA ILE A 458 -9.68 17.36 1.52
C ILE A 458 -10.97 17.07 0.78
N ASP A 459 -11.70 18.11 0.37
CA ASP A 459 -12.94 17.90 -0.37
C ASP A 459 -12.69 17.08 -1.62
N ASP A 460 -11.61 17.41 -2.35
CA ASP A 460 -11.28 16.66 -3.55
C ASP A 460 -10.94 15.20 -3.22
N ALA A 461 -10.18 14.98 -2.13
CA ALA A 461 -9.77 13.64 -1.77
C ALA A 461 -10.96 12.80 -1.32
N MET A 462 -11.92 13.42 -0.63
CA MET A 462 -13.11 12.69 -0.22
C MET A 462 -13.90 12.23 -1.44
N ALA A 463 -13.98 13.06 -2.49
CA ALA A 463 -14.63 12.62 -3.70
C ALA A 463 -13.85 11.51 -4.38
N GLU A 464 -12.53 11.60 -4.38
CA GLU A 464 -11.69 10.55 -4.95
C GLU A 464 -11.85 9.24 -4.18
N LEU A 465 -11.94 9.33 -2.84
CA LEU A 465 -12.10 8.12 -2.03
C LEU A 465 -13.41 7.42 -2.33
N HIS A 466 -14.48 8.19 -2.56
CA HIS A 466 -15.74 7.59 -3.00
C HIS A 466 -15.54 6.80 -4.29
N LYS A 467 -14.80 7.35 -5.24
CA LYS A 467 -14.54 6.64 -6.48
C LYS A 467 -13.63 5.43 -6.26
N ASP A 468 -12.64 5.54 -5.36
CA ASP A 468 -11.77 4.42 -5.02
C ASP A 468 -12.62 3.24 -4.51
N ARG A 469 -13.54 3.53 -3.59
CA ARG A 469 -14.38 2.48 -3.01
C ARG A 469 -15.32 1.89 -4.07
N ALA A 470 -15.83 2.72 -4.98
CA ALA A 470 -16.72 2.21 -6.00
C ALA A 470 -15.99 1.29 -6.97
N TRP A 471 -14.77 1.64 -7.36
CA TRP A 471 -13.98 0.76 -8.21
C TRP A 471 -13.77 -0.59 -7.54
N LEU A 472 -13.41 -0.57 -6.26
CA LEU A 472 -13.17 -1.81 -5.53
C LEU A 472 -14.43 -2.63 -5.41
N ALA A 473 -15.56 -2.00 -5.09
CA ALA A 473 -16.81 -2.73 -4.99
C ALA A 473 -17.17 -3.40 -6.31
N ASN A 474 -17.00 -2.68 -7.42
CA ASN A 474 -17.34 -3.25 -8.72
C ASN A 474 -16.45 -4.44 -9.06
N ALA A 475 -15.14 -4.30 -8.84
CA ALA A 475 -14.22 -5.38 -9.15
C ALA A 475 -14.50 -6.60 -8.30
N THR A 476 -14.78 -6.39 -7.00
CA THR A 476 -15.09 -7.49 -6.10
C THR A 476 -16.38 -8.20 -6.51
N GLN A 477 -17.42 -7.43 -6.84
CA GLN A 477 -18.69 -8.02 -7.20
C GLN A 477 -18.59 -8.83 -8.48
N ALA A 478 -17.79 -8.36 -9.45
CA ALA A 478 -17.61 -9.11 -10.68
C ALA A 478 -17.05 -10.50 -10.39
N LEU A 479 -16.07 -10.60 -9.49
CA LEU A 479 -15.50 -11.91 -9.15
C LEU A 479 -16.52 -12.76 -8.40
N ALA A 480 -17.29 -12.15 -7.49
CA ALA A 480 -18.28 -12.91 -6.74
C ALA A 480 -19.36 -13.44 -7.66
N ASN A 481 -19.81 -12.64 -8.62
CA ASN A 481 -20.83 -13.10 -9.55
C ASN A 481 -20.32 -14.26 -10.39
N ALA A 482 -19.08 -14.19 -10.84
CA ALA A 482 -18.54 -15.27 -11.65
C ALA A 482 -18.43 -16.55 -10.83
N LYS A 483 -17.96 -16.43 -9.59
CA LYS A 483 -17.80 -17.62 -8.76
C LYS A 483 -19.15 -18.28 -8.51
N GLN A 484 -20.22 -17.49 -8.36
CA GLN A 484 -21.55 -18.06 -8.17
C GLN A 484 -22.06 -18.73 -9.45
N THR A 485 -21.82 -18.10 -10.60
CA THR A 485 -22.20 -18.70 -11.87
C THR A 485 -21.54 -20.07 -12.04
N LEU A 486 -20.24 -20.15 -11.74
CA LEU A 486 -19.52 -21.42 -11.84
C LEU A 486 -20.11 -22.44 -10.87
N ALA A 487 -20.35 -22.04 -9.62
CA ALA A 487 -20.91 -22.98 -8.64
C ALA A 487 -22.27 -23.50 -9.10
N ASP A 488 -23.12 -22.60 -9.64
CA ASP A 488 -24.42 -23.02 -10.15
C ASP A 488 -24.27 -24.00 -11.31
N SER A 489 -23.33 -23.74 -12.21
CA SER A 489 -23.12 -24.60 -13.37
C SER A 489 -22.70 -25.99 -12.94
N VAL A 490 -21.78 -26.07 -11.97
CA VAL A 490 -21.32 -27.35 -11.46
C VAL A 490 -22.48 -28.13 -10.86
N GLN A 491 -23.32 -27.48 -10.07
CA GLN A 491 -24.43 -28.21 -9.46
C GLN A 491 -25.45 -28.64 -10.51
N GLN A 492 -25.70 -27.80 -11.52
CA GLN A 492 -26.60 -28.19 -12.61
C GLN A 492 -26.15 -29.50 -13.24
N ILE A 493 -24.86 -29.60 -13.55
CA ILE A 493 -24.34 -30.79 -14.21
C ILE A 493 -24.44 -32.01 -13.29
N ILE A 494 -24.01 -31.86 -12.04
CA ILE A 494 -24.02 -32.99 -11.13
C ILE A 494 -25.44 -33.49 -10.89
N GLN A 495 -26.37 -32.56 -10.65
CA GLN A 495 -27.72 -32.97 -10.30
C GLN A 495 -28.48 -33.51 -11.51
N THR A 496 -28.27 -32.91 -12.68
CA THR A 496 -28.92 -33.43 -13.88
C THR A 496 -28.46 -34.85 -14.18
N ASP A 497 -27.16 -35.10 -14.05
CA ASP A 497 -26.66 -36.46 -14.23
C ASP A 497 -27.27 -37.40 -13.19
N ARG A 498 -27.35 -36.96 -11.93
CA ARG A 498 -27.81 -37.86 -10.87
C ARG A 498 -29.27 -38.27 -11.07
N LYS A 499 -30.12 -37.34 -11.52
CA LYS A 499 -31.55 -37.59 -11.53
C LYS A 499 -32.11 -37.96 -12.89
N TYR A 500 -31.50 -37.47 -13.97
CA TYR A 500 -32.14 -37.54 -15.28
C TYR A 500 -31.36 -38.32 -16.32
N LEU A 501 -30.12 -38.75 -16.04
CA LEU A 501 -29.30 -39.45 -17.03
C LEU A 501 -28.99 -40.90 -16.65
C FMT B . 15.41 -4.43 25.18
C FMT B . 15.16 -4.66 25.36
O1 FMT B . 16.05 -3.76 25.97
O1 FMT B . 15.91 -5.01 26.28
O2 FMT B . 14.18 -4.37 25.16
O2 FMT B . 14.02 -5.13 25.24
H FMT B . 15.96 -5.05 24.48
H FMT B . 15.48 -3.80 24.78
C FMT C . 15.34 -1.23 23.58
O1 FMT C . 14.66 -0.29 24.04
O2 FMT C . 16.43 -1.06 23.00
H FMT C . 14.85 -2.20 23.53
C FMT D . 7.70 -5.76 22.18
O1 FMT D . 8.27 -5.74 23.28
O2 FMT D . 8.04 -6.52 21.28
H FMT D . 6.87 -5.07 22.03
C1 GOL E . -5.86 28.84 14.83
O1 GOL E . -6.66 29.94 15.16
C2 GOL E . -4.43 29.26 15.15
O2 GOL E . -4.37 30.02 16.32
C3 GOL E . -3.59 27.98 15.27
O3 GOL E . -4.28 27.08 16.08
H11 GOL E . -5.93 28.60 13.89
H12 GOL E . -6.09 28.04 15.33
HO1 GOL E . -6.19 30.44 15.67
H2 GOL E . -4.08 29.81 14.43
HO2 GOL E . -3.56 30.22 16.47
H31 GOL E . -2.71 28.20 15.62
H32 GOL E . -3.43 27.62 14.38
HO3 GOL E . -4.32 26.35 15.66
NA NA F . 1.03 1.59 -14.40
NA NA G . 4.34 9.63 -8.81
#